data_4GU6
#
_entry.id   4GU6
#
_cell.length_a   53.378
_cell.length_b   55.698
_cell.length_c   192.881
_cell.angle_alpha   90.00
_cell.angle_beta   90.00
_cell.angle_gamma   90.00
#
_symmetry.space_group_name_H-M   'P 21 21 21'
#
loop_
_entity.id
_entity.type
_entity.pdbx_description
1 polymer 'Focal adhesion kinase 1'
2 non-polymer N-(3-{[(5-cyano-2-phenyl-1H-pyrrolo[2,3-b]pyridin-4-yl)amino]methyl}pyridin-2-yl)-N-methylmethanesulfonamide
3 water water
#
_entity_poly.entity_id   1
_entity_poly.type   'polypeptide(L)'
_entity_poly.pdbx_seq_one_letter_code
;GSGSTRDYEIQRERIELGRCIGEGQFGDVHQGIYMSPENPALAVAIKTCKNCTSDSVREKFLQEALTMRQFDHPHIVKLI
GVITENPVWIIMELCTLGELRSFLQVRKYSLDLASLILYAYQLSTALAYLESKRFVHRDIAARNVLVSSNDCVKLGDFGL
SRYMEDSTYYKASKGKLPIKWMAPESINFRRFTSASDVWMFGVCMWEILMHGVKPFQGVKNNDVIGRIENGERLPMPPNC
PPTLYSLMTKCWAYDPSRRPRFTELKAQLSTILEEEKAQQEE
;
_entity_poly.pdbx_strand_id   A,B
#
loop_
_chem_comp.id
_chem_comp.type
_chem_comp.name
_chem_comp.formula
10N non-polymer N-(3-{[(5-cyano-2-phenyl-1H-pyrrolo[2,3-b]pyridin-4-yl)amino]methyl}pyridin-2-yl)-N-methylmethanesulfonamide 'C22 H20 N6 O2 S'
#
# COMPACT_ATOMS: atom_id res chain seq x y z
N ASP A 7 -7.60 28.40 -0.35
CA ASP A 7 -7.54 28.87 1.03
C ASP A 7 -8.78 28.45 1.83
N TYR A 8 -8.58 28.14 3.12
CA TYR A 8 -9.65 27.69 4.00
C TYR A 8 -9.72 28.47 5.31
N GLU A 9 -9.44 29.78 5.23
CA GLU A 9 -9.51 30.68 6.39
C GLU A 9 -10.98 31.04 6.62
N ILE A 10 -11.45 31.00 7.88
CA ILE A 10 -12.84 31.32 8.27
C ILE A 10 -12.86 32.52 9.24
N GLN A 11 -13.88 33.42 9.11
CA GLN A 11 -14.06 34.56 10.01
C GLN A 11 -14.76 34.07 11.30
N ARG A 12 -14.23 34.45 12.50
CA ARG A 12 -14.77 34.01 13.81
C ARG A 12 -16.26 34.30 14.04
N GLU A 13 -16.75 35.50 13.61
CA GLU A 13 -18.16 35.99 13.71
C GLU A 13 -19.16 34.98 13.13
N ARG A 14 -18.71 34.20 12.14
CA ARG A 14 -19.50 33.16 11.48
C ARG A 14 -19.57 31.85 12.31
N ILE A 15 -18.93 31.81 13.51
CA ILE A 15 -18.90 30.62 14.38
C ILE A 15 -19.53 30.95 15.72
N GLU A 16 -20.47 30.10 16.14
CA GLU A 16 -21.03 30.23 17.47
C GLU A 16 -20.42 29.07 18.27
N LEU A 17 -19.54 29.37 19.24
CA LEU A 17 -18.89 28.34 20.05
C LEU A 17 -19.89 27.79 21.06
N GLY A 18 -20.13 26.48 21.02
CA GLY A 18 -21.06 25.82 21.93
C GLY A 18 -20.30 25.07 23.00
N ARG A 19 -20.93 24.07 23.61
CA ARG A 19 -20.33 23.29 24.70
C ARG A 19 -19.12 22.47 24.30
N CYS A 20 -18.26 22.25 25.28
CA CYS A 20 -17.09 21.40 25.17
C CYS A 20 -17.59 19.93 25.07
N ILE A 21 -17.11 19.18 24.07
CA ILE A 21 -17.50 17.78 23.79
C ILE A 21 -16.34 16.79 24.01
N GLY A 22 -15.20 17.29 24.43
CA GLY A 22 -14.05 16.44 24.65
C GLY A 22 -12.76 17.25 24.74
N GLU A 23 -11.66 16.54 24.88
CA GLU A 23 -10.37 17.22 25.00
C GLU A 23 -9.36 16.56 24.14
N GLY A 24 -8.50 17.38 23.55
CA GLY A 24 -7.38 16.92 22.77
C GLY A 24 -6.10 17.38 23.43
N GLN A 25 -4.98 17.04 22.83
CA GLN A 25 -3.63 17.35 23.31
C GLN A 25 -3.41 18.87 23.45
N PHE A 26 -4.09 19.66 22.61
CA PHE A 26 -3.92 21.11 22.59
C PHE A 26 -4.94 21.88 23.41
N GLY A 27 -6.04 21.22 23.76
CA GLY A 27 -7.09 21.85 24.55
C GLY A 27 -8.47 21.28 24.25
N ASP A 28 -9.48 21.93 24.81
CA ASP A 28 -10.85 21.49 24.67
C ASP A 28 -11.34 21.51 23.22
N VAL A 29 -12.22 20.57 22.90
CA VAL A 29 -12.88 20.46 21.59
C VAL A 29 -14.34 20.77 21.89
N HIS A 30 -14.92 21.71 21.14
CA HIS A 30 -16.29 22.16 21.35
C HIS A 30 -17.16 21.83 20.18
N GLN A 31 -18.47 21.76 20.45
CA GLN A 31 -19.36 21.66 19.32
C GLN A 31 -19.68 23.12 19.01
N GLY A 32 -20.15 23.37 17.82
CA GLY A 32 -20.53 24.73 17.47
C GLY A 32 -21.37 24.77 16.23
N ILE A 33 -21.63 25.98 15.78
CA ILE A 33 -22.42 26.23 14.57
C ILE A 33 -21.66 27.17 13.65
N TYR A 34 -21.51 26.79 12.39
CA TYR A 34 -20.86 27.59 11.36
C TYR A 34 -21.91 28.20 10.41
N MET A 35 -21.99 29.53 10.38
CA MET A 35 -22.93 30.26 9.52
C MET A 35 -22.26 30.51 8.14
N SER A 36 -22.35 29.51 7.25
CA SER A 36 -21.76 29.57 5.91
C SER A 36 -22.76 30.09 4.90
N ASN A 39 -25.01 26.52 3.93
CA ASN A 39 -26.16 26.73 4.82
C ASN A 39 -25.87 27.68 6.02
N PRO A 40 -26.89 28.38 6.57
CA PRO A 40 -26.63 29.35 7.67
C PRO A 40 -26.45 28.74 9.06
N ALA A 41 -26.64 27.42 9.22
CA ALA A 41 -26.48 26.79 10.53
C ALA A 41 -25.93 25.37 10.48
N LEU A 42 -24.66 25.25 10.02
CA LEU A 42 -23.96 23.98 9.93
C LEU A 42 -23.30 23.62 11.28
N ALA A 43 -23.56 22.38 11.76
CA ALA A 43 -23.01 21.84 13.01
C ALA A 43 -21.54 21.46 12.80
N VAL A 44 -20.65 21.97 13.66
CA VAL A 44 -19.22 21.71 13.52
C VAL A 44 -18.57 21.27 14.83
N ALA A 45 -17.38 20.67 14.74
CA ALA A 45 -16.53 20.35 15.88
C ALA A 45 -15.40 21.39 15.82
N ILE A 46 -15.04 21.99 16.96
CA ILE A 46 -14.03 23.06 17.00
C ILE A 46 -12.91 22.67 17.94
N LYS A 47 -11.72 22.50 17.40
CA LYS A 47 -10.52 22.21 18.20
C LYS A 47 -9.94 23.53 18.62
N THR A 48 -9.63 23.67 19.91
CA THR A 48 -9.04 24.88 20.47
C THR A 48 -7.62 24.57 20.88
N CYS A 49 -6.83 25.61 21.09
CA CYS A 49 -5.41 25.48 21.38
C CYS A 49 -5.02 26.44 22.48
N LYS A 50 -4.85 25.93 23.70
CA LYS A 50 -4.53 26.76 24.85
C LYS A 50 -3.16 27.42 24.81
N ASN A 51 -2.15 26.77 24.18
CA ASN A 51 -0.79 27.34 24.14
C ASN A 51 -0.36 27.90 22.79
N CYS A 52 -1.32 28.18 21.92
CA CYS A 52 -1.06 28.69 20.58
C CYS A 52 -0.46 30.07 20.41
N THR A 53 -0.20 30.78 21.53
CA THR A 53 0.53 32.05 21.43
C THR A 53 2.03 31.73 21.21
N SER A 54 2.44 30.46 21.52
CA SER A 54 3.81 30.01 21.27
CA SER A 54 3.79 30.00 21.27
C SER A 54 3.82 29.61 19.78
N ASP A 55 4.75 30.19 18.98
CA ASP A 55 4.86 29.87 17.55
C ASP A 55 5.02 28.38 17.26
N SER A 56 5.81 27.68 18.08
CA SER A 56 6.03 26.24 17.85
C SER A 56 4.76 25.44 18.10
N VAL A 57 3.97 25.85 19.11
CA VAL A 57 2.71 25.12 19.41
C VAL A 57 1.71 25.40 18.27
N ARG A 58 1.60 26.68 17.87
CA ARG A 58 0.71 27.12 16.78
C ARG A 58 1.04 26.33 15.50
N GLU A 59 2.34 26.21 15.13
CA GLU A 59 2.77 25.43 13.96
C GLU A 59 2.36 23.95 14.07
N LYS A 60 2.55 23.33 15.24
CA LYS A 60 2.19 21.92 15.45
C LYS A 60 0.66 21.74 15.31
N PHE A 61 -0.10 22.65 15.92
CA PHE A 61 -1.57 22.62 15.89
C PHE A 61 -2.10 22.80 14.45
N LEU A 62 -1.65 23.84 13.75
CA LEU A 62 -2.08 24.11 12.36
C LEU A 62 -1.65 23.02 11.37
N GLN A 63 -0.56 22.30 11.67
CA GLN A 63 -0.12 21.16 10.88
C GLN A 63 -1.17 20.06 10.93
N GLU A 64 -1.91 19.95 12.05
CA GLU A 64 -2.98 18.96 12.17
C GLU A 64 -4.11 19.29 11.18
N ALA A 65 -4.38 20.59 10.96
CA ALA A 65 -5.40 20.97 9.97
C ALA A 65 -4.87 20.70 8.55
N LEU A 66 -3.56 20.99 8.31
CA LEU A 66 -2.93 20.75 6.99
C LEU A 66 -3.00 19.27 6.65
N THR A 67 -2.79 18.39 7.65
CA THR A 67 -2.89 16.94 7.51
C THR A 67 -4.27 16.56 7.02
N MET A 68 -5.34 17.05 7.67
CA MET A 68 -6.71 16.69 7.30
C MET A 68 -7.13 17.27 5.97
N ARG A 69 -6.57 18.44 5.61
CA ARG A 69 -6.87 19.14 4.36
C ARG A 69 -6.48 18.32 3.14
N GLN A 70 -5.45 17.48 3.25
CA GLN A 70 -4.99 16.64 2.13
C GLN A 70 -5.94 15.49 1.86
N PHE A 71 -6.85 15.16 2.79
CA PHE A 71 -7.77 14.04 2.59
C PHE A 71 -9.19 14.47 2.24
N ASP A 72 -9.83 13.69 1.38
CA ASP A 72 -11.18 13.95 0.96
C ASP A 72 -11.80 12.59 0.73
N HIS A 73 -12.57 12.12 1.72
CA HIS A 73 -13.18 10.80 1.63
C HIS A 73 -14.52 10.79 2.35
N PRO A 74 -15.51 10.01 1.85
CA PRO A 74 -16.84 10.00 2.50
C PRO A 74 -16.84 9.45 3.91
N HIS A 75 -15.83 8.65 4.29
CA HIS A 75 -15.76 8.03 5.60
C HIS A 75 -14.63 8.56 6.49
N ILE A 76 -14.21 9.81 6.24
CA ILE A 76 -13.21 10.53 7.05
C ILE A 76 -13.79 11.93 7.28
N VAL A 77 -13.77 12.40 8.55
CA VAL A 77 -14.27 13.76 8.88
C VAL A 77 -13.54 14.80 8.05
N LYS A 78 -14.29 15.74 7.49
CA LYS A 78 -13.70 16.76 6.66
C LYS A 78 -13.22 17.97 7.47
N LEU A 79 -12.12 18.60 7.04
CA LEU A 79 -11.69 19.89 7.59
C LEU A 79 -12.60 20.94 6.93
N ILE A 80 -13.26 21.78 7.73
CA ILE A 80 -14.10 22.85 7.19
C ILE A 80 -13.20 24.07 6.96
N GLY A 81 -12.35 24.36 7.95
CA GLY A 81 -11.45 25.50 7.85
C GLY A 81 -10.72 25.81 9.12
N VAL A 82 -9.95 26.88 9.08
CA VAL A 82 -9.13 27.33 10.21
C VAL A 82 -9.37 28.80 10.49
N ILE A 83 -9.15 29.21 11.74
CA ILE A 83 -9.17 30.60 12.15
C ILE A 83 -7.75 30.80 12.65
N THR A 84 -6.91 31.48 11.85
CA THR A 84 -5.49 31.60 12.22
C THR A 84 -5.16 32.78 13.16
N GLU A 85 -6.17 33.59 13.51
CA GLU A 85 -6.04 34.68 14.48
C GLU A 85 -6.33 34.13 15.87
N ASN A 86 -5.73 34.72 16.92
CA ASN A 86 -5.95 34.24 18.28
C ASN A 86 -7.35 34.51 18.82
N PRO A 87 -7.99 33.52 19.49
CA PRO A 87 -7.54 32.14 19.72
C PRO A 87 -7.65 31.30 18.44
N VAL A 88 -6.57 30.62 18.07
CA VAL A 88 -6.47 29.79 16.87
C VAL A 88 -7.39 28.55 16.98
N TRP A 89 -8.32 28.38 16.00
CA TRP A 89 -9.27 27.26 15.98
C TRP A 89 -9.19 26.45 14.70
N ILE A 90 -9.51 25.14 14.80
CA ILE A 90 -9.62 24.26 13.65
C ILE A 90 -11.08 23.81 13.62
N ILE A 91 -11.74 24.06 12.48
CA ILE A 91 -13.17 23.75 12.31
C ILE A 91 -13.30 22.49 11.52
N MET A 92 -13.93 21.46 12.13
CA MET A 92 -14.13 20.16 11.50
C MET A 92 -15.60 19.89 11.35
N GLU A 93 -15.94 18.95 10.45
CA GLU A 93 -17.32 18.49 10.25
C GLU A 93 -17.75 17.79 11.54
N LEU A 94 -18.98 18.01 11.98
CA LEU A 94 -19.49 17.31 13.16
C LEU A 94 -20.25 16.05 12.73
N CYS A 95 -19.96 14.90 13.35
CA CYS A 95 -20.73 13.65 13.13
C CYS A 95 -21.75 13.69 14.24
N THR A 96 -23.00 13.94 13.85
CA THR A 96 -24.08 14.20 14.80
C THR A 96 -24.45 13.08 15.77
N LEU A 97 -24.19 11.81 15.41
CA LEU A 97 -24.58 10.69 16.29
C LEU A 97 -23.53 10.25 17.31
N GLY A 98 -22.41 10.94 17.33
CA GLY A 98 -21.35 10.72 18.31
C GLY A 98 -20.41 9.57 18.10
N GLU A 99 -19.78 9.14 19.21
CA GLU A 99 -18.76 8.08 19.26
C GLU A 99 -19.32 6.73 18.91
N LEU A 100 -18.56 5.94 18.13
CA LEU A 100 -19.03 4.61 17.75
C LEU A 100 -19.23 3.64 18.93
N ARG A 101 -18.33 3.62 19.90
CA ARG A 101 -18.45 2.68 21.03
C ARG A 101 -19.78 2.87 21.76
N SER A 102 -20.16 4.14 22.08
CA SER A 102 -21.42 4.42 22.78
CA SER A 102 -21.42 4.43 22.78
C SER A 102 -22.61 4.04 21.92
N PHE A 103 -22.54 4.34 20.59
CA PHE A 103 -23.60 4.03 19.64
C PHE A 103 -23.87 2.53 19.58
N LEU A 104 -22.81 1.70 19.52
CA LEU A 104 -22.94 0.24 19.48
C LEU A 104 -23.48 -0.31 20.80
N GLN A 105 -23.10 0.31 21.92
CA GLN A 105 -23.56 -0.10 23.26
C GLN A 105 -25.06 0.08 23.41
N VAL A 106 -25.60 1.25 22.99
CA VAL A 106 -27.02 1.60 23.03
C VAL A 106 -27.83 0.58 22.19
N ARG A 107 -27.25 0.11 21.08
CA ARG A 107 -27.89 -0.82 20.17
C ARG A 107 -27.42 -2.27 20.23
N LYS A 108 -26.80 -2.68 21.36
CA LYS A 108 -26.30 -4.05 21.52
C LYS A 108 -27.35 -5.17 21.33
N TYR A 109 -28.64 -4.78 21.35
CA TYR A 109 -29.77 -5.67 21.08
C TYR A 109 -30.43 -5.21 19.76
N SER A 110 -30.47 -3.87 19.49
CA SER A 110 -31.11 -3.24 18.32
C SER A 110 -30.43 -3.51 16.96
N LEU A 111 -29.16 -3.11 16.78
CA LEU A 111 -28.43 -3.24 15.50
C LEU A 111 -28.32 -4.66 14.98
N ASP A 112 -28.54 -4.81 13.66
CA ASP A 112 -28.46 -6.08 12.92
C ASP A 112 -26.99 -6.33 12.52
N LEU A 113 -26.63 -7.61 12.31
CA LEU A 113 -25.27 -7.99 11.92
C LEU A 113 -24.81 -7.27 10.64
N ALA A 114 -25.71 -7.15 9.64
CA ALA A 114 -25.38 -6.48 8.37
C ALA A 114 -24.89 -5.04 8.60
N SER A 115 -25.43 -4.33 9.63
CA SER A 115 -24.99 -2.96 9.95
C SER A 115 -23.58 -2.96 10.51
N LEU A 116 -23.23 -3.95 11.36
CA LEU A 116 -21.87 -4.06 11.91
C LEU A 116 -20.86 -4.32 10.81
N ILE A 117 -21.20 -5.22 9.86
CA ILE A 117 -20.32 -5.52 8.72
C ILE A 117 -20.18 -4.28 7.83
N LEU A 118 -21.29 -3.55 7.62
CA LEU A 118 -21.27 -2.30 6.84
C LEU A 118 -20.25 -1.31 7.42
N TYR A 119 -20.25 -1.10 8.76
CA TYR A 119 -19.30 -0.17 9.39
C TYR A 119 -17.87 -0.61 9.17
N ALA A 120 -17.58 -1.92 9.29
CA ALA A 120 -16.23 -2.45 9.03
C ALA A 120 -15.86 -2.21 7.58
N TYR A 121 -16.81 -2.42 6.67
CA TYR A 121 -16.60 -2.17 5.24
C TYR A 121 -16.31 -0.69 4.96
N GLN A 122 -17.14 0.24 5.49
CA GLN A 122 -16.95 1.69 5.25
C GLN A 122 -15.58 2.13 5.78
N LEU A 123 -15.16 1.58 6.93
CA LEU A 123 -13.85 1.90 7.50
C LEU A 123 -12.73 1.37 6.61
N SER A 124 -12.90 0.17 6.02
CA SER A 124 -11.89 -0.38 5.10
C SER A 124 -11.72 0.50 3.85
N THR A 125 -12.82 1.17 3.38
CA THR A 125 -12.73 2.07 2.23
C THR A 125 -11.92 3.31 2.58
N ALA A 126 -12.15 3.86 3.78
CA ALA A 126 -11.37 5.02 4.26
C ALA A 126 -9.90 4.62 4.42
N LEU A 127 -9.62 3.43 4.95
CA LEU A 127 -8.24 2.97 5.15
C LEU A 127 -7.51 2.59 3.86
N ALA A 128 -8.24 2.09 2.86
CA ALA A 128 -7.65 1.81 1.53
C ALA A 128 -7.29 3.16 0.90
N TYR A 129 -8.10 4.18 1.16
CA TYR A 129 -7.84 5.52 0.63
C TYR A 129 -6.57 6.10 1.28
N LEU A 130 -6.44 5.97 2.61
CA LEU A 130 -5.25 6.44 3.33
C LEU A 130 -4.01 5.71 2.87
N GLU A 131 -4.14 4.38 2.64
CA GLU A 131 -3.05 3.54 2.14
C GLU A 131 -2.60 4.04 0.73
N SER A 132 -3.55 4.45 -0.14
CA SER A 132 -3.26 4.98 -1.47
C SER A 132 -2.46 6.30 -1.42
N LYS A 133 -2.52 7.03 -0.29
CA LYS A 133 -1.79 8.28 -0.07
C LYS A 133 -0.58 8.04 0.81
N ARG A 134 -0.28 6.78 1.12
CA ARG A 134 0.86 6.37 1.97
C ARG A 134 0.81 7.04 3.33
N PHE A 135 -0.39 7.12 3.90
CA PHE A 135 -0.55 7.73 5.21
C PHE A 135 -0.74 6.62 6.23
N VAL A 136 0.08 6.62 7.28
CA VAL A 136 -0.01 5.62 8.37
C VAL A 136 -0.80 6.29 9.51
N HIS A 137 -1.96 5.72 9.85
CA HIS A 137 -2.86 6.30 10.84
C HIS A 137 -2.31 6.17 12.27
N ARG A 138 -1.87 4.98 12.67
CA ARG A 138 -1.23 4.69 13.98
C ARG A 138 -2.23 4.40 15.11
N ASP A 139 -3.52 4.76 14.97
CA ASP A 139 -4.49 4.40 16.04
C ASP A 139 -5.88 4.06 15.57
N ILE A 140 -5.96 3.02 14.77
CA ILE A 140 -7.21 2.50 14.23
C ILE A 140 -7.86 1.70 15.35
N ALA A 141 -8.91 2.31 15.92
CA ALA A 141 -9.61 1.74 17.08
C ALA A 141 -11.01 2.32 17.09
N ALA A 142 -11.99 1.60 17.65
CA ALA A 142 -13.39 2.07 17.70
C ALA A 142 -13.51 3.43 18.41
N ARG A 143 -12.58 3.75 19.35
CA ARG A 143 -12.58 5.07 20.04
C ARG A 143 -12.40 6.26 19.09
N ASN A 144 -11.80 6.01 17.92
CA ASN A 144 -11.49 7.03 16.93
C ASN A 144 -12.44 7.00 15.75
N VAL A 145 -13.59 6.35 15.92
CA VAL A 145 -14.62 6.27 14.87
C VAL A 145 -15.86 6.99 15.38
N LEU A 146 -16.46 7.78 14.50
CA LEU A 146 -17.68 8.53 14.80
C LEU A 146 -18.83 8.08 13.94
N VAL A 147 -20.04 8.44 14.33
CA VAL A 147 -21.25 8.06 13.61
C VAL A 147 -21.95 9.29 13.04
N SER A 148 -22.04 9.35 11.71
CA SER A 148 -22.67 10.46 11.00
C SER A 148 -24.16 10.21 10.83
N SER A 149 -24.55 8.92 10.64
CA SER A 149 -25.93 8.48 10.52
C SER A 149 -25.96 6.99 10.84
N ASN A 150 -27.16 6.39 10.94
CA ASN A 150 -27.31 4.95 11.20
C ASN A 150 -26.59 4.08 10.17
N ASP A 151 -26.44 4.58 8.96
CA ASP A 151 -25.79 3.88 7.85
C ASP A 151 -24.44 4.50 7.46
N CYS A 152 -23.85 5.31 8.35
CA CYS A 152 -22.57 5.97 8.00
C CYS A 152 -21.64 6.24 9.16
N VAL A 153 -20.46 5.65 9.12
CA VAL A 153 -19.40 5.90 10.11
C VAL A 153 -18.26 6.64 9.45
N LYS A 154 -17.48 7.38 10.25
CA LYS A 154 -16.32 8.10 9.77
C LYS A 154 -15.18 8.04 10.76
N LEU A 155 -13.95 8.00 10.23
CA LEU A 155 -12.76 8.14 11.06
C LEU A 155 -12.75 9.58 11.55
N GLY A 156 -12.47 9.78 12.84
CA GLY A 156 -12.41 11.12 13.41
C GLY A 156 -11.10 11.82 13.11
N ASP A 157 -10.93 13.04 13.60
CA ASP A 157 -9.73 13.85 13.35
C ASP A 157 -8.47 13.07 13.72
N PHE A 158 -7.43 13.15 12.87
CA PHE A 158 -6.19 12.37 13.08
C PHE A 158 -5.32 12.85 14.23
N GLY A 159 -5.29 14.15 14.46
CA GLY A 159 -4.57 14.72 15.59
C GLY A 159 -5.21 14.27 16.89
N LEU A 160 -6.54 14.40 17.00
CA LEU A 160 -7.30 13.95 18.18
C LEU A 160 -7.21 12.43 18.40
N SER A 161 -7.01 11.63 17.30
CA SER A 161 -6.94 10.16 17.40
CA SER A 161 -6.92 10.15 17.37
C SER A 161 -5.62 9.70 18.05
N ARG A 162 -4.59 10.58 18.06
CA ARG A 162 -3.27 10.28 18.66
C ARG A 162 -3.24 10.60 20.14
N TYR A 163 -4.41 10.81 20.74
CA TYR A 163 -4.52 11.15 22.15
C TYR A 163 -3.94 10.06 23.05
N MET A 164 -4.29 8.79 22.78
CA MET A 164 -3.81 7.69 23.63
C MET A 164 -2.31 7.52 23.52
N GLU A 165 -1.78 7.56 22.26
CA GLU A 165 -0.33 7.46 22.00
C GLU A 165 0.43 8.58 22.75
N ASP A 166 -0.10 9.83 22.69
CA ASP A 166 0.54 11.02 23.26
C ASP A 166 0.42 11.10 24.78
N SER A 167 -0.51 10.34 25.40
CA SER A 167 -0.75 10.37 26.85
C SER A 167 0.51 10.13 27.70
N THR A 168 1.49 9.38 27.17
CA THR A 168 2.74 9.12 27.91
C THR A 168 3.51 10.45 28.19
N TYR A 169 3.31 11.48 27.34
CA TYR A 169 3.97 12.78 27.47
C TYR A 169 3.20 13.84 28.26
N TYR A 170 1.89 13.61 28.51
CA TYR A 170 1.05 14.58 29.22
C TYR A 170 0.71 14.09 30.60
N LYS A 171 1.24 14.72 31.66
CA LYS A 171 0.99 14.29 33.04
C LYS A 171 -0.48 14.31 33.45
N ALA A 172 -1.26 15.28 32.91
CA ALA A 172 -2.68 15.45 33.24
C ALA A 172 -3.64 14.64 32.33
N SER A 173 -3.09 13.90 31.34
CA SER A 173 -3.91 13.08 30.43
C SER A 173 -4.58 11.93 31.15
N LYS A 174 -5.82 11.62 30.73
CA LYS A 174 -6.62 10.51 31.25
C LYS A 174 -6.34 9.25 30.42
N GLY A 175 -5.66 9.43 29.28
CA GLY A 175 -5.35 8.36 28.34
C GLY A 175 -4.28 7.38 28.79
N LYS A 176 -4.15 6.29 28.06
CA LYS A 176 -3.11 5.29 28.28
C LYS A 176 -2.67 4.80 26.91
N LEU A 177 -1.40 4.39 26.76
CA LEU A 177 -0.85 3.89 25.47
C LEU A 177 -1.76 2.81 24.92
N PRO A 178 -2.08 2.80 23.59
CA PRO A 178 -3.04 1.79 23.08
C PRO A 178 -2.41 0.44 22.75
N ILE A 179 -1.74 -0.17 23.74
CA ILE A 179 -1.03 -1.44 23.63
C ILE A 179 -1.89 -2.55 23.10
N LYS A 180 -3.14 -2.65 23.61
CA LYS A 180 -4.09 -3.71 23.23
C LYS A 180 -4.51 -3.70 21.78
N TRP A 181 -4.21 -2.60 21.05
CA TRP A 181 -4.55 -2.45 19.63
C TRP A 181 -3.31 -2.58 18.75
N MET A 182 -2.11 -2.42 19.34
CA MET A 182 -0.86 -2.31 18.56
C MET A 182 -0.28 -3.59 18.05
N ALA A 183 0.27 -3.53 16.84
CA ALA A 183 0.99 -4.63 16.21
C ALA A 183 2.26 -4.89 17.04
N PRO A 184 2.76 -6.16 17.10
CA PRO A 184 3.97 -6.44 17.91
C PRO A 184 5.18 -5.61 17.53
N GLU A 185 5.39 -5.32 16.22
CA GLU A 185 6.54 -4.52 15.78
C GLU A 185 6.42 -3.07 16.25
N SER A 186 5.17 -2.59 16.50
CA SER A 186 4.91 -1.25 17.01
C SER A 186 5.26 -1.22 18.52
N ILE A 187 4.82 -2.23 19.27
CA ILE A 187 5.11 -2.32 20.70
C ILE A 187 6.63 -2.48 20.91
N ASN A 188 7.24 -3.43 20.22
CA ASN A 188 8.65 -3.78 20.39
C ASN A 188 9.66 -2.80 19.84
N PHE A 189 9.43 -2.27 18.61
CA PHE A 189 10.43 -1.44 17.93
C PHE A 189 9.92 -0.07 17.53
N ARG A 190 8.69 0.27 17.91
CA ARG A 190 8.03 1.53 17.56
C ARG A 190 7.99 1.74 16.02
N ARG A 191 7.78 0.63 15.28
CA ARG A 191 7.64 0.67 13.82
C ARG A 191 6.15 0.79 13.52
N PHE A 192 5.77 1.82 12.76
CA PHE A 192 4.40 2.08 12.39
C PHE A 192 4.37 2.13 10.87
N THR A 193 3.65 1.17 10.27
CA THR A 193 3.63 1.05 8.80
C THR A 193 2.21 0.78 8.35
N SER A 194 2.03 0.63 7.04
CA SER A 194 0.72 0.28 6.51
C SER A 194 0.33 -1.12 7.06
N ALA A 195 1.32 -2.04 7.31
CA ALA A 195 1.00 -3.38 7.85
C ALA A 195 0.59 -3.32 9.32
N SER A 196 1.19 -2.38 10.11
CA SER A 196 0.78 -2.28 11.53
C SER A 196 -0.63 -1.68 11.59
N ASP A 197 -1.01 -0.84 10.62
CA ASP A 197 -2.39 -0.29 10.55
C ASP A 197 -3.37 -1.43 10.28
N VAL A 198 -3.00 -2.42 9.45
CA VAL A 198 -3.87 -3.57 9.18
C VAL A 198 -4.12 -4.38 10.47
N TRP A 199 -3.08 -4.60 11.28
CA TRP A 199 -3.24 -5.29 12.57
C TRP A 199 -4.28 -4.55 13.44
N MET A 200 -4.14 -3.22 13.55
CA MET A 200 -5.06 -2.41 14.37
C MET A 200 -6.48 -2.47 13.82
N PHE A 201 -6.61 -2.48 12.49
CA PHE A 201 -7.95 -2.58 11.87
C PHE A 201 -8.61 -3.90 12.24
N GLY A 202 -7.82 -4.97 12.34
CA GLY A 202 -8.34 -6.26 12.78
C GLY A 202 -8.94 -6.16 14.17
N VAL A 203 -8.26 -5.46 15.07
CA VAL A 203 -8.75 -5.26 16.45
C VAL A 203 -10.03 -4.38 16.39
N CYS A 204 -10.03 -3.33 15.55
CA CYS A 204 -11.20 -2.44 15.40
C CYS A 204 -12.44 -3.23 14.92
N MET A 205 -12.26 -4.15 13.94
CA MET A 205 -13.35 -4.99 13.43
C MET A 205 -13.86 -5.86 14.55
N TRP A 206 -12.95 -6.45 15.38
CA TRP A 206 -13.32 -7.25 16.54
C TRP A 206 -14.18 -6.40 17.50
N GLU A 207 -13.77 -5.16 17.79
CA GLU A 207 -14.57 -4.25 18.68
C GLU A 207 -15.97 -4.01 18.19
N ILE A 208 -16.12 -3.79 16.89
CA ILE A 208 -17.43 -3.53 16.26
C ILE A 208 -18.31 -4.76 16.40
N LEU A 209 -17.77 -5.94 16.06
CA LEU A 209 -18.56 -7.21 16.15
C LEU A 209 -18.88 -7.56 17.61
N MET A 210 -18.11 -6.98 18.55
CA MET A 210 -18.31 -7.16 19.97
C MET A 210 -19.19 -6.06 20.57
N HIS A 211 -19.81 -5.22 19.72
CA HIS A 211 -20.71 -4.11 20.13
C HIS A 211 -20.01 -3.08 21.02
N GLY A 212 -18.76 -2.76 20.69
CA GLY A 212 -18.01 -1.75 21.43
C GLY A 212 -17.33 -2.20 22.70
N VAL A 213 -17.22 -3.52 22.91
CA VAL A 213 -16.51 -4.06 24.08
C VAL A 213 -15.01 -3.94 23.77
N LYS A 214 -14.19 -3.55 24.77
CA LYS A 214 -12.76 -3.39 24.59
C LYS A 214 -12.01 -4.74 24.52
N PRO A 215 -10.90 -4.81 23.74
CA PRO A 215 -10.13 -6.07 23.67
C PRO A 215 -9.35 -6.33 24.96
N PHE A 216 -9.07 -7.60 25.26
CA PHE A 216 -8.25 -8.02 26.41
C PHE A 216 -8.68 -7.38 27.75
N GLN A 217 -9.98 -7.43 28.03
CA GLN A 217 -10.52 -6.90 29.30
C GLN A 217 -9.84 -7.63 30.47
N GLY A 218 -9.42 -6.88 31.47
CA GLY A 218 -8.78 -7.42 32.67
C GLY A 218 -7.29 -7.68 32.57
N VAL A 219 -6.69 -7.55 31.37
CA VAL A 219 -5.26 -7.80 31.13
C VAL A 219 -4.52 -6.47 31.27
N LYS A 220 -3.44 -6.45 32.02
CA LYS A 220 -2.61 -5.26 32.16
C LYS A 220 -1.85 -5.01 30.86
N ASN A 221 -1.70 -3.73 30.45
CA ASN A 221 -0.98 -3.33 29.22
C ASN A 221 0.37 -3.99 29.10
N ASN A 222 1.14 -4.02 30.20
CA ASN A 222 2.46 -4.62 30.25
C ASN A 222 2.46 -6.13 29.92
N ASP A 223 1.32 -6.81 30.11
CA ASP A 223 1.19 -8.26 29.88
C ASP A 223 0.71 -8.64 28.48
N VAL A 224 0.38 -7.62 27.63
CA VAL A 224 -0.12 -7.86 26.30
C VAL A 224 0.89 -8.51 25.35
N ILE A 225 2.07 -7.88 25.21
CA ILE A 225 3.10 -8.39 24.30
C ILE A 225 3.49 -9.85 24.57
N GLY A 226 3.63 -10.24 25.84
CA GLY A 226 3.92 -11.64 26.15
C GLY A 226 2.83 -12.61 25.67
N ARG A 227 1.56 -12.22 25.81
CA ARG A 227 0.43 -13.03 25.32
C ARG A 227 0.48 -13.16 23.76
N ILE A 228 0.61 -12.04 23.07
CA ILE A 228 0.70 -12.01 21.60
C ILE A 228 1.90 -12.83 21.12
N GLU A 229 3.08 -12.65 21.73
CA GLU A 229 4.29 -13.39 21.36
C GLU A 229 4.21 -14.88 21.70
N ASN A 230 3.26 -15.25 22.58
CA ASN A 230 3.00 -16.66 22.87
C ASN A 230 1.91 -17.24 21.93
N GLY A 231 1.48 -16.47 20.94
CA GLY A 231 0.47 -16.93 19.99
C GLY A 231 -0.99 -16.70 20.37
N GLU A 232 -1.26 -15.95 21.46
CA GLU A 232 -2.66 -15.66 21.85
C GLU A 232 -3.25 -14.62 20.89
N ARG A 233 -4.53 -14.77 20.55
CA ARG A 233 -5.25 -13.85 19.67
C ARG A 233 -6.65 -13.70 20.22
N LEU A 234 -7.30 -12.57 19.92
CA LEU A 234 -8.69 -12.34 20.34
C LEU A 234 -9.64 -13.43 19.79
N PRO A 235 -10.60 -13.92 20.60
CA PRO A 235 -11.48 -15.00 20.12
C PRO A 235 -12.54 -14.54 19.15
N MET A 236 -13.16 -15.49 18.44
CA MET A 236 -14.23 -15.17 17.48
C MET A 236 -15.44 -14.60 18.23
N PRO A 237 -15.88 -13.37 17.92
CA PRO A 237 -17.04 -12.82 18.65
C PRO A 237 -18.31 -13.65 18.40
N PRO A 238 -19.20 -13.76 19.39
CA PRO A 238 -20.48 -14.47 19.14
C PRO A 238 -21.20 -13.79 17.95
N ASN A 239 -21.72 -14.58 17.03
CA ASN A 239 -22.43 -14.12 15.83
C ASN A 239 -21.56 -13.57 14.70
N CYS A 240 -20.23 -13.62 14.86
CA CYS A 240 -19.34 -13.18 13.80
C CYS A 240 -19.32 -14.26 12.72
N PRO A 241 -19.54 -13.92 11.43
CA PRO A 241 -19.42 -14.95 10.37
C PRO A 241 -17.99 -15.52 10.36
N PRO A 242 -17.81 -16.86 10.21
CA PRO A 242 -16.45 -17.44 10.21
C PRO A 242 -15.50 -16.87 9.14
N THR A 243 -16.04 -16.45 7.98
CA THR A 243 -15.24 -15.85 6.91
C THR A 243 -14.62 -14.51 7.38
N LEU A 244 -15.41 -13.76 8.14
CA LEU A 244 -14.99 -12.47 8.72
C LEU A 244 -13.96 -12.70 9.83
N TYR A 245 -14.14 -13.74 10.65
CA TYR A 245 -13.13 -14.01 11.70
C TYR A 245 -11.80 -14.45 11.05
N SER A 246 -11.85 -15.25 9.96
CA SER A 246 -10.65 -15.65 9.22
C SER A 246 -9.92 -14.41 8.70
N LEU A 247 -10.68 -13.40 8.25
CA LEU A 247 -10.10 -12.13 7.79
C LEU A 247 -9.37 -11.43 8.95
N MET A 248 -10.00 -11.35 10.15
CA MET A 248 -9.37 -10.75 11.34
C MET A 248 -8.06 -11.47 11.69
N THR A 249 -8.08 -12.84 11.67
CA THR A 249 -6.86 -13.60 12.01
C THR A 249 -5.70 -13.36 11.02
N LYS A 250 -6.02 -13.03 9.76
CA LYS A 250 -5.00 -12.69 8.73
C LYS A 250 -4.37 -11.35 9.08
N CYS A 251 -5.18 -10.41 9.61
CA CYS A 251 -4.72 -9.07 10.04
C CYS A 251 -3.72 -9.21 11.19
N TRP A 252 -3.86 -10.29 11.97
CA TRP A 252 -3.00 -10.54 13.13
C TRP A 252 -1.86 -11.51 12.88
N ALA A 253 -1.39 -11.63 11.61
CA ALA A 253 -0.23 -12.46 11.29
C ALA A 253 0.94 -11.78 12.02
N TYR A 254 1.74 -12.53 12.77
CA TYR A 254 2.86 -11.93 13.48
C TYR A 254 3.83 -11.25 12.47
N ASP A 255 4.13 -11.91 11.36
CA ASP A 255 4.99 -11.37 10.29
C ASP A 255 4.18 -10.31 9.53
N PRO A 256 4.57 -9.02 9.58
CA PRO A 256 3.78 -7.99 8.91
C PRO A 256 3.61 -8.18 7.40
N SER A 257 4.62 -8.84 6.74
CA SER A 257 4.58 -9.12 5.30
C SER A 257 3.52 -10.14 4.91
N ARG A 258 2.97 -10.87 5.89
CA ARG A 258 1.92 -11.86 5.64
C ARG A 258 0.53 -11.26 5.82
N ARG A 259 0.45 -10.01 6.26
CA ARG A 259 -0.86 -9.39 6.46
C ARG A 259 -1.41 -8.91 5.11
N PRO A 260 -2.75 -8.96 4.90
CA PRO A 260 -3.29 -8.42 3.63
C PRO A 260 -3.20 -6.90 3.57
N ARG A 261 -3.39 -6.32 2.38
CA ARG A 261 -3.46 -4.86 2.24
C ARG A 261 -4.93 -4.48 2.25
N PHE A 262 -5.24 -3.17 2.40
CA PHE A 262 -6.62 -2.70 2.46
C PHE A 262 -7.47 -2.93 1.22
N THR A 263 -6.87 -2.97 0.01
CA THR A 263 -7.60 -3.27 -1.23
C THR A 263 -8.29 -4.66 -1.12
N GLU A 264 -7.52 -5.69 -0.70
CA GLU A 264 -8.02 -7.05 -0.50
C GLU A 264 -9.04 -7.07 0.67
N LEU A 265 -8.76 -6.35 1.77
CA LEU A 265 -9.69 -6.32 2.90
C LEU A 265 -11.07 -5.76 2.50
N LYS A 266 -11.07 -4.63 1.77
CA LYS A 266 -12.28 -3.99 1.24
C LYS A 266 -13.06 -4.94 0.31
N ALA A 267 -12.36 -5.65 -0.61
CA ALA A 267 -13.01 -6.58 -1.53
C ALA A 267 -13.63 -7.72 -0.78
N GLN A 268 -12.93 -8.26 0.23
CA GLN A 268 -13.41 -9.39 1.03
C GLN A 268 -14.55 -8.97 1.93
N LEU A 269 -14.50 -7.75 2.50
CA LEU A 269 -15.60 -7.23 3.35
C LEU A 269 -16.85 -6.98 2.53
N SER A 270 -16.69 -6.56 1.27
CA SER A 270 -17.83 -6.33 0.38
C SER A 270 -18.56 -7.65 0.12
N THR A 271 -17.80 -8.75 -0.10
CA THR A 271 -18.36 -10.09 -0.31
C THR A 271 -19.08 -10.59 0.94
N ILE A 272 -18.47 -10.39 2.12
CA ILE A 272 -19.06 -10.80 3.42
C ILE A 272 -20.37 -10.05 3.66
N LEU A 273 -20.39 -8.75 3.34
CA LEU A 273 -21.58 -7.90 3.49
C LEU A 273 -22.71 -8.36 2.55
N GLU A 274 -22.38 -8.69 1.30
CA GLU A 274 -23.36 -9.17 0.33
C GLU A 274 -24.01 -10.49 0.79
N GLU A 275 -23.20 -11.45 1.28
CA GLU A 275 -23.65 -12.76 1.77
C GLU A 275 -24.55 -12.61 3.00
N GLU A 276 -24.23 -11.65 3.88
CA GLU A 276 -25.04 -11.40 5.06
C GLU A 276 -26.40 -10.75 4.68
N LYS A 277 -26.39 -9.71 3.81
CA LYS A 277 -27.59 -9.00 3.35
C LYS A 277 -28.55 -9.92 2.60
N ALA A 278 -28.02 -11.00 1.98
CA ALA A 278 -28.79 -11.99 1.23
C ALA A 278 -29.58 -12.95 2.11
N GLN A 279 -29.24 -13.10 3.41
CA GLN A 279 -29.94 -14.04 4.29
C GLN A 279 -30.90 -13.40 5.33
N TYR B 8 6.77 -30.36 -8.21
CA TYR B 8 7.29 -29.56 -9.31
C TYR B 8 8.53 -30.20 -9.99
N GLU B 9 8.75 -31.52 -9.75
CA GLU B 9 9.88 -32.26 -10.31
C GLU B 9 9.59 -32.68 -11.75
N ILE B 10 10.55 -32.45 -12.67
CA ILE B 10 10.43 -32.80 -14.10
C ILE B 10 11.54 -33.77 -14.53
N GLN B 11 11.25 -34.71 -15.45
CA GLN B 11 12.26 -35.65 -15.97
C GLN B 11 13.04 -35.00 -17.12
N ARG B 12 14.37 -35.17 -17.11
CA ARG B 12 15.27 -34.58 -18.10
C ARG B 12 15.02 -34.90 -19.59
N GLU B 13 14.91 -36.19 -19.96
CA GLU B 13 14.69 -36.56 -21.37
C GLU B 13 13.44 -35.88 -21.99
N ARG B 14 12.50 -35.42 -21.12
CA ARG B 14 11.25 -34.69 -21.45
C ARG B 14 11.52 -33.21 -21.75
N ILE B 15 12.81 -32.85 -21.79
CA ILE B 15 13.30 -31.54 -22.12
C ILE B 15 14.28 -31.69 -23.27
N GLU B 16 14.09 -30.89 -24.32
CA GLU B 16 15.04 -30.84 -25.41
C GLU B 16 15.78 -29.52 -25.20
N LEU B 17 17.07 -29.57 -24.80
CA LEU B 17 17.87 -28.36 -24.56
C LEU B 17 18.25 -27.73 -25.89
N GLY B 18 17.86 -26.48 -26.09
CA GLY B 18 18.17 -25.74 -27.30
C GLY B 18 19.29 -24.75 -27.07
N ARG B 19 19.31 -23.67 -27.85
CA ARG B 19 20.35 -22.63 -27.80
C ARG B 19 20.40 -21.80 -26.52
N CYS B 20 21.62 -21.36 -26.16
CA CYS B 20 21.85 -20.47 -25.03
C CYS B 20 21.31 -19.08 -25.44
N ILE B 21 20.45 -18.48 -24.59
CA ILE B 21 19.81 -17.17 -24.83
C ILE B 21 20.27 -16.08 -23.87
N GLY B 22 21.20 -16.41 -23.00
CA GLY B 22 21.71 -15.46 -22.02
C GLY B 22 22.43 -16.14 -20.87
N GLU B 23 22.90 -15.34 -19.93
CA GLU B 23 23.63 -15.90 -18.81
C GLU B 23 23.15 -15.30 -17.53
N GLY B 24 23.07 -16.14 -16.52
CA GLY B 24 22.69 -15.75 -15.17
C GLY B 24 23.88 -15.98 -14.27
N GLN B 25 23.73 -15.64 -12.99
CA GLN B 25 24.76 -15.78 -11.96
C GLN B 25 25.25 -17.21 -11.81
N PHE B 26 24.36 -18.20 -12.06
CA PHE B 26 24.67 -19.63 -11.92
C PHE B 26 25.14 -20.34 -13.16
N GLY B 27 24.88 -19.72 -14.30
CA GLY B 27 25.27 -20.27 -15.59
C GLY B 27 24.36 -19.86 -16.73
N ASP B 28 24.60 -20.47 -17.88
CA ASP B 28 23.86 -20.19 -19.10
C ASP B 28 22.37 -20.47 -18.97
N VAL B 29 21.57 -19.68 -19.66
CA VAL B 29 20.12 -19.83 -19.75
C VAL B 29 19.87 -20.21 -21.20
N HIS B 30 19.14 -21.31 -21.42
CA HIS B 30 18.87 -21.83 -22.77
C HIS B 30 17.39 -21.77 -23.09
N GLN B 31 17.02 -21.75 -24.37
CA GLN B 31 15.61 -21.95 -24.69
C GLN B 31 15.54 -23.45 -24.95
N GLY B 32 14.36 -24.02 -24.82
CA GLY B 32 14.16 -25.44 -25.05
C GLY B 32 12.71 -25.78 -25.26
N ILE B 33 12.42 -27.07 -25.29
CA ILE B 33 11.07 -27.59 -25.48
C ILE B 33 10.77 -28.60 -24.38
N TYR B 34 9.63 -28.42 -23.71
CA TYR B 34 9.16 -29.34 -22.67
C TYR B 34 7.96 -30.15 -23.20
N MET B 35 8.13 -31.48 -23.30
CA MET B 35 7.04 -32.35 -23.73
C MET B 35 6.34 -32.93 -22.50
N SER B 36 5.03 -32.68 -22.38
CA SER B 36 4.22 -33.18 -21.27
C SER B 36 2.80 -33.54 -21.78
N PRO B 37 1.97 -34.29 -21.02
CA PRO B 37 0.60 -34.59 -21.51
C PRO B 37 -0.28 -33.36 -21.67
N GLU B 38 0.04 -32.27 -20.95
CA GLU B 38 -0.66 -30.99 -20.96
C GLU B 38 -0.38 -30.22 -22.27
N ASN B 39 0.87 -30.33 -22.79
CA ASN B 39 1.33 -29.71 -24.04
C ASN B 39 2.51 -30.54 -24.57
N PRO B 40 2.42 -31.18 -25.75
CA PRO B 40 3.56 -31.98 -26.22
C PRO B 40 4.78 -31.18 -26.67
N ALA B 41 4.66 -29.85 -26.84
CA ALA B 41 5.78 -29.03 -27.30
C ALA B 41 5.74 -27.61 -26.76
N LEU B 42 5.82 -27.46 -25.42
CA LEU B 42 5.82 -26.15 -24.78
C LEU B 42 7.23 -25.55 -24.83
N ALA B 43 7.35 -24.31 -25.34
CA ALA B 43 8.60 -23.56 -25.42
C ALA B 43 8.95 -23.10 -24.02
N VAL B 44 10.17 -23.41 -23.56
CA VAL B 44 10.59 -23.06 -22.21
C VAL B 44 11.96 -22.38 -22.17
N ALA B 45 12.26 -21.69 -21.06
CA ALA B 45 13.57 -21.10 -20.77
C ALA B 45 14.13 -22.01 -19.70
N ILE B 46 15.41 -22.37 -19.83
CA ILE B 46 16.05 -23.30 -18.91
C ILE B 46 17.24 -22.63 -18.28
N LYS B 47 17.19 -22.43 -16.96
CA LYS B 47 18.32 -21.89 -16.21
C LYS B 47 19.17 -23.07 -15.83
N THR B 48 20.47 -22.98 -16.12
CA THR B 48 21.41 -24.03 -15.77
C THR B 48 22.26 -23.56 -14.61
N CYS B 49 22.93 -24.50 -13.96
CA CYS B 49 23.73 -24.22 -12.79
C CYS B 49 25.03 -25.01 -12.92
N LYS B 50 26.12 -24.31 -13.29
CA LYS B 50 27.38 -24.99 -13.49
C LYS B 50 28.03 -25.53 -12.23
N ASN B 51 27.83 -24.88 -11.08
CA ASN B 51 28.45 -25.36 -9.84
C ASN B 51 27.45 -25.95 -8.81
N CYS B 52 26.33 -26.53 -9.30
CA CYS B 52 25.32 -27.11 -8.41
C CYS B 52 25.72 -28.39 -7.64
N THR B 53 26.98 -28.88 -7.82
CA THR B 53 27.48 -30.01 -7.02
C THR B 53 27.84 -29.47 -5.61
N SER B 54 28.02 -28.14 -5.50
CA SER B 54 28.26 -27.44 -4.25
C SER B 54 26.89 -27.26 -3.60
N ASP B 55 26.73 -27.72 -2.34
CA ASP B 55 25.45 -27.66 -1.61
C ASP B 55 24.91 -26.24 -1.48
N SER B 56 25.78 -25.27 -1.16
CA SER B 56 25.35 -23.87 -1.01
C SER B 56 24.83 -23.28 -2.30
N VAL B 57 25.50 -23.58 -3.42
CA VAL B 57 25.11 -23.10 -4.76
C VAL B 57 23.77 -23.74 -5.13
N ARG B 58 23.64 -25.07 -4.94
CA ARG B 58 22.41 -25.80 -5.21
C ARG B 58 21.21 -25.23 -4.42
N GLU B 59 21.40 -24.97 -3.10
CA GLU B 59 20.35 -24.41 -2.25
C GLU B 59 19.94 -23.01 -2.72
N LYS B 60 20.93 -22.16 -3.05
CA LYS B 60 20.67 -20.79 -3.50
C LYS B 60 19.93 -20.83 -4.84
N PHE B 61 20.36 -21.71 -5.77
CA PHE B 61 19.73 -21.87 -7.09
C PHE B 61 18.27 -22.32 -6.98
N LEU B 62 18.02 -23.40 -6.21
CA LEU B 62 16.66 -23.90 -6.03
C LEU B 62 15.73 -22.95 -5.28
N GLN B 63 16.30 -22.07 -4.44
CA GLN B 63 15.52 -21.03 -3.74
C GLN B 63 14.97 -20.04 -4.76
N GLU B 64 15.67 -19.81 -5.88
CA GLU B 64 15.18 -18.91 -6.94
C GLU B 64 13.90 -19.50 -7.56
N ALA B 65 13.83 -20.82 -7.68
CA ALA B 65 12.62 -21.47 -8.18
C ALA B 65 11.48 -21.35 -7.13
N LEU B 66 11.82 -21.52 -5.85
CA LEU B 66 10.84 -21.38 -4.74
C LEU B 66 10.23 -19.99 -4.72
N THR B 67 11.07 -18.97 -4.95
CA THR B 67 10.62 -17.57 -5.01
C THR B 67 9.56 -17.38 -6.11
N MET B 68 9.84 -17.88 -7.32
CA MET B 68 8.91 -17.74 -8.45
C MET B 68 7.64 -18.57 -8.29
N ARG B 69 7.76 -19.70 -7.62
CA ARG B 69 6.65 -20.63 -7.38
C ARG B 69 5.51 -19.96 -6.57
N GLN B 70 5.85 -19.01 -5.70
CA GLN B 70 4.83 -18.35 -4.88
C GLN B 70 3.95 -17.35 -5.68
N PHE B 71 4.40 -16.96 -6.89
CA PHE B 71 3.64 -16.01 -7.70
C PHE B 71 2.88 -16.66 -8.85
N ASP B 72 1.73 -16.11 -9.17
CA ASP B 72 0.89 -16.61 -10.25
C ASP B 72 0.21 -15.40 -10.85
N HIS B 73 0.79 -14.87 -11.93
CA HIS B 73 0.26 -13.67 -12.57
C HIS B 73 0.50 -13.71 -14.07
N PRO B 74 -0.45 -13.18 -14.89
CA PRO B 74 -0.27 -13.23 -16.37
C PRO B 74 0.91 -12.44 -16.89
N HIS B 75 1.43 -11.47 -16.11
CA HIS B 75 2.53 -10.63 -16.56
C HIS B 75 3.82 -10.82 -15.79
N ILE B 76 3.99 -12.03 -15.21
CA ILE B 76 5.20 -12.46 -14.51
C ILE B 76 5.49 -13.86 -15.07
N VAL B 77 6.77 -14.11 -15.48
CA VAL B 77 7.12 -15.44 -16.02
C VAL B 77 6.82 -16.53 -15.01
N LYS B 78 6.18 -17.59 -15.44
CA LYS B 78 5.82 -18.70 -14.53
C LYS B 78 6.93 -19.72 -14.38
N LEU B 79 7.04 -20.32 -13.19
CA LEU B 79 7.94 -21.45 -12.98
C LEU B 79 7.19 -22.70 -13.51
N ILE B 80 7.82 -23.47 -14.40
CA ILE B 80 7.21 -24.69 -14.93
C ILE B 80 7.58 -25.85 -13.99
N GLY B 81 8.85 -25.91 -13.61
CA GLY B 81 9.34 -26.95 -12.70
C GLY B 81 10.84 -26.99 -12.56
N VAL B 82 11.34 -28.02 -11.86
CA VAL B 82 12.77 -28.18 -11.55
C VAL B 82 13.26 -29.59 -11.83
N ILE B 83 14.53 -29.74 -12.17
CA ILE B 83 15.19 -31.03 -12.33
C ILE B 83 16.23 -31.00 -11.24
N THR B 84 15.98 -31.75 -10.14
CA THR B 84 16.87 -31.75 -8.98
C THR B 84 18.14 -32.57 -9.15
N GLU B 85 18.16 -33.50 -10.11
CA GLU B 85 19.31 -34.35 -10.39
C GLU B 85 20.35 -33.55 -11.17
N ASN B 86 21.64 -33.85 -11.00
CA ASN B 86 22.69 -33.12 -11.72
C ASN B 86 22.74 -33.43 -13.20
N PRO B 87 22.89 -32.42 -14.09
CA PRO B 87 22.95 -30.97 -13.81
C PRO B 87 21.58 -30.42 -13.43
N VAL B 88 21.53 -29.67 -12.32
CA VAL B 88 20.28 -29.09 -11.82
C VAL B 88 19.77 -27.98 -12.76
N TRP B 89 18.51 -28.08 -13.19
CA TRP B 89 17.88 -27.11 -14.08
C TRP B 89 16.59 -26.55 -13.50
N ILE B 90 16.28 -25.28 -13.83
CA ILE B 90 15.03 -24.61 -13.48
C ILE B 90 14.33 -24.33 -14.81
N ILE B 91 13.11 -24.83 -14.93
CA ILE B 91 12.33 -24.70 -16.17
C ILE B 91 11.32 -23.58 -15.98
N MET B 92 11.43 -22.55 -16.83
CA MET B 92 10.58 -21.35 -16.78
C MET B 92 9.82 -21.25 -18.07
N GLU B 93 8.72 -20.47 -18.04
CA GLU B 93 7.94 -20.16 -19.22
C GLU B 93 8.82 -19.32 -20.15
N LEU B 94 8.76 -19.57 -21.47
CA LEU B 94 9.55 -18.78 -22.40
C LEU B 94 8.77 -17.62 -22.95
N CYS B 95 9.40 -16.43 -22.93
CA CYS B 95 8.84 -15.29 -23.63
C CYS B 95 9.58 -15.30 -24.97
N THR B 96 8.90 -15.73 -26.04
CA THR B 96 9.50 -15.98 -27.35
C THR B 96 10.13 -14.79 -28.05
N LEU B 97 9.65 -13.56 -27.77
CA LEU B 97 10.17 -12.37 -28.46
C LEU B 97 11.38 -11.70 -27.81
N GLY B 98 11.86 -12.27 -26.71
CA GLY B 98 13.05 -11.81 -26.02
C GLY B 98 12.96 -10.60 -25.14
N GLU B 99 14.12 -9.96 -24.93
CA GLU B 99 14.30 -8.80 -24.06
C GLU B 99 13.55 -7.57 -24.56
N LEU B 100 12.92 -6.83 -23.65
CA LEU B 100 12.17 -5.64 -24.06
C LEU B 100 13.03 -4.56 -24.74
N ARG B 101 14.21 -4.22 -24.17
CA ARG B 101 15.06 -3.13 -24.74
C ARG B 101 15.43 -3.37 -26.19
N SER B 102 15.83 -4.61 -26.52
CA SER B 102 16.20 -5.01 -27.89
C SER B 102 14.95 -4.92 -28.79
N PHE B 103 13.79 -5.43 -28.30
CA PHE B 103 12.51 -5.44 -29.01
C PHE B 103 12.07 -4.03 -29.38
N LEU B 104 12.12 -3.07 -28.43
CA LEU B 104 11.73 -1.67 -28.64
C LEU B 104 12.67 -0.99 -29.62
N GLN B 105 13.96 -1.35 -29.59
CA GLN B 105 14.97 -0.80 -30.50
C GLN B 105 14.67 -1.22 -31.94
N VAL B 106 14.38 -2.52 -32.17
CA VAL B 106 14.06 -3.10 -33.49
C VAL B 106 12.77 -2.48 -34.07
N ARG B 107 11.68 -2.51 -33.29
CA ARG B 107 10.36 -2.04 -33.70
C ARG B 107 10.15 -0.52 -33.45
N LYS B 108 11.24 0.25 -33.20
CA LYS B 108 11.24 1.69 -32.90
C LYS B 108 10.30 2.52 -33.76
N TYR B 109 10.40 2.34 -35.08
CA TYR B 109 9.62 3.03 -36.10
C TYR B 109 8.31 2.28 -36.36
N SER B 110 8.32 0.95 -36.14
CA SER B 110 7.14 0.05 -36.28
C SER B 110 6.04 0.24 -35.19
N LEU B 111 6.39 0.04 -33.89
CA LEU B 111 5.46 0.14 -32.75
C LEU B 111 4.74 1.46 -32.61
N ASP B 112 3.44 1.39 -32.34
CA ASP B 112 2.53 2.51 -32.12
C ASP B 112 2.58 2.91 -30.65
N LEU B 113 2.24 4.17 -30.34
CA LEU B 113 2.22 4.68 -28.97
C LEU B 113 1.32 3.84 -28.04
N ALA B 114 0.13 3.43 -28.52
CA ALA B 114 -0.80 2.60 -27.74
C ALA B 114 -0.15 1.31 -27.23
N SER B 115 0.80 0.72 -28.02
CA SER B 115 1.51 -0.49 -27.62
C SER B 115 2.46 -0.19 -26.46
N LEU B 116 3.16 0.97 -26.51
CA LEU B 116 4.09 1.37 -25.43
C LEU B 116 3.31 1.56 -24.12
N ILE B 117 2.15 2.24 -24.19
CA ILE B 117 1.31 2.47 -23.01
C ILE B 117 0.77 1.13 -22.48
N LEU B 118 0.38 0.22 -23.39
CA LEU B 118 -0.08 -1.11 -23.00
C LEU B 118 0.97 -1.85 -22.17
N TYR B 119 2.26 -1.82 -22.61
CA TYR B 119 3.34 -2.49 -21.85
C TYR B 119 3.47 -1.90 -20.45
N ALA B 120 3.42 -0.57 -20.33
CA ALA B 120 3.50 0.09 -19.01
C ALA B 120 2.29 -0.35 -18.16
N TYR B 121 1.10 -0.44 -18.78
CA TYR B 121 -0.11 -0.90 -18.08
C TYR B 121 0.04 -2.35 -17.57
N GLN B 122 0.47 -3.27 -18.44
CA GLN B 122 0.61 -4.68 -18.07
C GLN B 122 1.61 -4.86 -16.93
N LEU B 123 2.72 -4.10 -16.98
CA LEU B 123 3.70 -4.11 -15.91
C LEU B 123 3.11 -3.58 -14.60
N SER B 124 2.25 -2.54 -14.66
CA SER B 124 1.62 -2.01 -13.43
C SER B 124 0.69 -3.07 -12.80
N THR B 125 0.07 -3.95 -13.61
CA THR B 125 -0.81 -5.01 -13.07
C THR B 125 0.03 -6.04 -12.31
N ALA B 126 1.20 -6.41 -12.88
CA ALA B 126 2.11 -7.35 -12.22
C ALA B 126 2.64 -6.74 -10.91
N LEU B 127 2.95 -5.43 -10.92
CA LEU B 127 3.49 -4.76 -9.74
C LEU B 127 2.45 -4.50 -8.67
N ALA B 128 1.17 -4.28 -9.07
CA ALA B 128 0.05 -4.14 -8.11
C ALA B 128 -0.13 -5.52 -7.43
N TYR B 129 0.05 -6.60 -8.20
CA TYR B 129 -0.08 -7.96 -7.65
C TYR B 129 1.04 -8.22 -6.61
N LEU B 130 2.30 -7.84 -6.94
CA LEU B 130 3.42 -8.00 -5.99
C LEU B 130 3.18 -7.16 -4.74
N GLU B 131 2.68 -5.93 -4.93
CA GLU B 131 2.34 -5.01 -3.83
C GLU B 131 1.27 -5.64 -2.91
N SER B 132 0.26 -6.34 -3.49
CA SER B 132 -0.79 -7.02 -2.73
C SER B 132 -0.24 -8.13 -1.82
N LYS B 133 0.94 -8.66 -2.15
CA LYS B 133 1.57 -9.74 -1.36
C LYS B 133 2.69 -9.14 -0.52
N ARG B 134 2.82 -7.80 -0.51
CA ARG B 134 3.87 -7.07 0.23
C ARG B 134 5.28 -7.54 -0.18
N PHE B 135 5.46 -7.78 -1.48
CA PHE B 135 6.76 -8.21 -2.01
C PHE B 135 7.44 -6.98 -2.63
N VAL B 136 8.66 -6.64 -2.19
CA VAL B 136 9.44 -5.52 -2.75
C VAL B 136 10.39 -6.13 -3.78
N HIS B 137 10.27 -5.72 -5.05
CA HIS B 137 11.06 -6.27 -6.17
C HIS B 137 12.52 -5.81 -6.14
N ARG B 138 12.77 -4.48 -6.01
CA ARG B 138 14.09 -3.82 -5.93
C ARG B 138 14.80 -3.66 -7.25
N ASP B 139 14.34 -4.32 -8.33
CA ASP B 139 15.08 -4.20 -9.59
C ASP B 139 14.15 -3.98 -10.78
N ILE B 140 13.22 -3.01 -10.67
CA ILE B 140 12.28 -2.68 -11.75
C ILE B 140 13.02 -1.81 -12.77
N ALA B 141 13.21 -2.33 -14.00
CA ALA B 141 13.93 -1.65 -15.09
C ALA B 141 13.58 -2.42 -16.36
N ALA B 142 13.66 -1.74 -17.53
CA ALA B 142 13.34 -2.39 -18.83
C ALA B 142 14.20 -3.61 -19.09
N ARG B 143 15.43 -3.66 -18.52
CA ARG B 143 16.33 -4.81 -18.67
C ARG B 143 15.74 -6.11 -18.13
N ASN B 144 14.79 -6.01 -17.19
CA ASN B 144 14.15 -7.13 -16.53
C ASN B 144 12.76 -7.44 -17.06
N VAL B 145 12.44 -6.91 -18.23
CA VAL B 145 11.14 -7.15 -18.84
C VAL B 145 11.36 -7.94 -20.12
N LEU B 146 10.47 -8.91 -20.36
CA LEU B 146 10.52 -9.75 -21.56
C LEU B 146 9.27 -9.57 -22.38
N VAL B 147 9.33 -9.99 -23.64
CA VAL B 147 8.23 -9.86 -24.59
C VAL B 147 7.69 -11.23 -25.00
N SER B 148 6.44 -11.52 -24.65
CA SER B 148 5.77 -12.79 -24.94
C SER B 148 5.12 -12.76 -26.32
N SER B 149 4.60 -11.59 -26.71
CA SER B 149 3.98 -11.35 -28.00
C SER B 149 3.96 -9.85 -28.22
N ASN B 150 3.56 -9.40 -29.43
CA ASN B 150 3.44 -7.98 -29.74
C ASN B 150 2.54 -7.24 -28.74
N ASP B 151 1.54 -7.93 -28.18
CA ASP B 151 0.58 -7.36 -27.23
C ASP B 151 0.79 -7.87 -25.79
N CYS B 152 1.98 -8.42 -25.46
CA CYS B 152 2.19 -8.96 -24.10
C CYS B 152 3.61 -8.91 -23.59
N VAL B 153 3.83 -8.25 -22.44
CA VAL B 153 5.12 -8.21 -21.75
C VAL B 153 5.01 -8.87 -20.40
N LYS B 154 6.15 -9.37 -19.88
CA LYS B 154 6.19 -9.99 -18.56
C LYS B 154 7.46 -9.62 -17.84
N LEU B 155 7.37 -9.52 -16.51
CA LEU B 155 8.56 -9.37 -15.67
C LEU B 155 9.29 -10.70 -15.75
N GLY B 156 10.60 -10.66 -15.94
CA GLY B 156 11.39 -11.86 -16.05
C GLY B 156 11.70 -12.46 -14.69
N ASP B 157 12.44 -13.58 -14.71
CA ASP B 157 12.84 -14.31 -13.49
C ASP B 157 13.46 -13.36 -12.49
N PHE B 158 13.02 -13.39 -11.21
CA PHE B 158 13.54 -12.49 -10.17
C PHE B 158 15.01 -12.76 -9.83
N GLY B 159 15.43 -14.03 -9.87
CA GLY B 159 16.84 -14.38 -9.66
C GLY B 159 17.73 -13.85 -10.78
N LEU B 160 17.30 -14.01 -12.05
CA LEU B 160 18.04 -13.47 -13.20
C LEU B 160 18.04 -11.92 -13.21
N SER B 161 17.06 -11.28 -12.55
CA SER B 161 16.91 -9.83 -12.50
C SER B 161 17.93 -9.14 -11.61
N ARG B 162 18.66 -9.90 -10.76
CA ARG B 162 19.63 -9.32 -9.80
C ARG B 162 20.92 -8.83 -10.44
N LEU B 177 26.02 -0.82 -9.15
CA LEU B 177 24.63 -0.60 -8.72
C LEU B 177 23.79 0.15 -9.77
N PRO B 178 22.49 -0.22 -9.94
CA PRO B 178 21.61 0.49 -10.88
C PRO B 178 21.17 1.86 -10.33
N ILE B 179 22.15 2.74 -10.06
CA ILE B 179 21.97 4.06 -9.46
C ILE B 179 20.94 4.91 -10.20
N LYS B 180 21.01 4.91 -11.53
CA LYS B 180 20.13 5.69 -12.40
C LYS B 180 18.63 5.32 -12.34
N TRP B 181 18.32 4.19 -11.73
CA TRP B 181 16.95 3.68 -11.56
C TRP B 181 16.48 3.80 -10.13
N MET B 182 17.42 3.96 -9.17
CA MET B 182 17.11 3.92 -7.74
C MET B 182 16.54 5.18 -7.14
N ALA B 183 15.61 4.99 -6.20
CA ALA B 183 15.01 6.06 -5.43
C ALA B 183 16.11 6.68 -4.54
N PRO B 184 16.04 8.00 -4.22
CA PRO B 184 17.08 8.61 -3.37
C PRO B 184 17.29 7.94 -2.02
N GLU B 185 16.20 7.47 -1.35
CA GLU B 185 16.31 6.79 -0.05
C GLU B 185 17.04 5.43 -0.19
N SER B 186 16.99 4.83 -1.41
CA SER B 186 17.68 3.57 -1.70
C SER B 186 19.19 3.85 -1.87
N ILE B 187 19.54 4.92 -2.61
CA ILE B 187 20.94 5.31 -2.82
C ILE B 187 21.55 5.73 -1.48
N ASN B 188 20.89 6.65 -0.77
CA ASN B 188 21.40 7.22 0.48
C ASN B 188 21.42 6.31 1.68
N PHE B 189 20.32 5.55 1.92
CA PHE B 189 20.20 4.76 3.15
C PHE B 189 19.95 3.28 2.93
N ARG B 190 20.00 2.83 1.67
CA ARG B 190 19.74 1.43 1.30
C ARG B 190 18.35 0.96 1.76
N ARG B 191 17.35 1.88 1.73
CA ARG B 191 15.97 1.56 2.08
C ARG B 191 15.25 1.15 0.80
N PHE B 192 14.66 -0.04 0.79
CA PHE B 192 13.94 -0.59 -0.37
C PHE B 192 12.55 -0.92 0.11
N THR B 193 11.56 -0.21 -0.43
CA THR B 193 10.18 -0.36 0.01
C THR B 193 9.26 -0.39 -1.19
N SER B 194 7.94 -0.47 -0.93
CA SER B 194 6.98 -0.42 -2.04
C SER B 194 7.10 0.95 -2.71
N ALA B 195 7.43 2.03 -1.94
CA ALA B 195 7.57 3.39 -2.54
C ALA B 195 8.79 3.51 -3.43
N SER B 196 9.92 2.84 -3.05
CA SER B 196 11.13 2.89 -3.89
C SER B 196 10.88 2.08 -5.17
N ASP B 197 10.02 1.03 -5.12
CA ASP B 197 9.66 0.26 -6.33
C ASP B 197 8.88 1.15 -7.28
N VAL B 198 8.01 2.04 -6.76
CA VAL B 198 7.25 2.99 -7.60
C VAL B 198 8.20 3.94 -8.34
N TRP B 199 9.22 4.46 -7.65
CA TRP B 199 10.22 5.33 -8.28
C TRP B 199 10.85 4.60 -9.49
N MET B 200 11.29 3.36 -9.28
CA MET B 200 11.92 2.55 -10.34
C MET B 200 10.96 2.28 -11.49
N PHE B 201 9.69 2.03 -11.18
CA PHE B 201 8.68 1.82 -12.22
C PHE B 201 8.52 3.07 -13.08
N GLY B 202 8.63 4.26 -12.46
CA GLY B 202 8.59 5.52 -13.20
C GLY B 202 9.71 5.59 -14.23
N VAL B 203 10.91 5.16 -13.81
CA VAL B 203 12.07 5.13 -14.71
C VAL B 203 11.82 4.10 -15.82
N CYS B 204 11.27 2.92 -15.46
CA CYS B 204 10.94 1.87 -16.43
C CYS B 204 9.95 2.36 -17.51
N MET B 205 8.89 3.08 -17.09
CA MET B 205 7.92 3.67 -18.01
C MET B 205 8.62 4.65 -18.94
N TRP B 206 9.53 5.49 -18.41
CA TRP B 206 10.31 6.44 -19.20
C TRP B 206 11.12 5.67 -20.26
N GLU B 207 11.78 4.54 -19.87
CA GLU B 207 12.57 3.72 -20.81
C GLU B 207 11.75 3.20 -21.97
N ILE B 208 10.53 2.73 -21.67
CA ILE B 208 9.61 2.19 -22.67
C ILE B 208 9.22 3.29 -23.67
N LEU B 209 8.80 4.46 -23.16
CA LEU B 209 8.39 5.59 -24.00
C LEU B 209 9.57 6.15 -24.79
N MET B 210 10.80 5.87 -24.34
CA MET B 210 12.03 6.27 -25.00
C MET B 210 12.55 5.19 -25.94
N HIS B 211 11.75 4.13 -26.18
CA HIS B 211 12.11 3.00 -27.07
C HIS B 211 13.37 2.25 -26.63
N GLY B 212 13.54 2.07 -25.32
CA GLY B 212 14.67 1.34 -24.76
C GLY B 212 15.96 2.13 -24.58
N VAL B 213 15.87 3.46 -24.61
CA VAL B 213 17.05 4.31 -24.35
C VAL B 213 17.24 4.35 -22.83
N LYS B 214 18.50 4.28 -22.36
CA LYS B 214 18.82 4.30 -20.92
C LYS B 214 18.67 5.69 -20.29
N PRO B 215 18.24 5.78 -19.00
CA PRO B 215 18.12 7.09 -18.34
C PRO B 215 19.46 7.75 -18.03
N PHE B 216 19.49 9.09 -17.96
CA PHE B 216 20.67 9.88 -17.60
C PHE B 216 21.93 9.51 -18.40
N GLN B 217 21.79 9.38 -19.74
CA GLN B 217 22.93 9.11 -20.61
C GLN B 217 23.98 10.20 -20.42
N GLY B 218 25.24 9.79 -20.30
CA GLY B 218 26.37 10.70 -20.15
C GLY B 218 26.68 11.17 -18.74
N VAL B 219 25.80 10.85 -17.78
CA VAL B 219 25.96 11.24 -16.38
C VAL B 219 26.66 10.12 -15.61
N LYS B 220 27.70 10.46 -14.85
CA LYS B 220 28.42 9.47 -14.02
C LYS B 220 27.51 9.06 -12.85
N ASN B 221 27.50 7.75 -12.46
CA ASN B 221 26.68 7.22 -11.36
C ASN B 221 26.82 8.06 -10.09
N ASN B 222 28.07 8.44 -9.74
CA ASN B 222 28.38 9.25 -8.57
C ASN B 222 27.73 10.63 -8.58
N ASP B 223 27.36 11.14 -9.76
CA ASP B 223 26.75 12.47 -9.93
C ASP B 223 25.23 12.48 -9.97
N VAL B 224 24.58 11.30 -10.01
CA VAL B 224 23.12 11.18 -10.10
C VAL B 224 22.39 11.78 -8.89
N ILE B 225 22.75 11.34 -7.67
CA ILE B 225 22.15 11.79 -6.42
C ILE B 225 22.16 13.33 -6.24
N GLY B 226 23.25 13.98 -6.62
CA GLY B 226 23.39 15.44 -6.56
C GLY B 226 22.33 16.11 -7.40
N ARG B 227 22.16 15.61 -8.63
CA ARG B 227 21.18 16.08 -9.61
C ARG B 227 19.76 15.90 -9.09
N ILE B 228 19.46 14.67 -8.60
CA ILE B 228 18.18 14.28 -8.03
C ILE B 228 17.80 15.18 -6.86
N GLU B 229 18.74 15.39 -5.90
CA GLU B 229 18.60 16.25 -4.72
C GLU B 229 18.33 17.70 -5.13
N ASN B 230 18.88 18.13 -6.28
CA ASN B 230 18.68 19.49 -6.77
C ASN B 230 17.38 19.66 -7.55
N GLY B 231 16.56 18.61 -7.58
CA GLY B 231 15.26 18.65 -8.25
C GLY B 231 15.24 18.24 -9.72
N GLU B 232 16.39 17.79 -10.28
CA GLU B 232 16.45 17.36 -11.69
C GLU B 232 15.70 16.05 -11.86
N ARG B 233 15.01 15.90 -12.99
CA ARG B 233 14.27 14.68 -13.34
C ARG B 233 14.44 14.39 -14.81
N LEU B 234 14.15 13.15 -15.24
CA LEU B 234 14.25 12.77 -16.66
C LEU B 234 13.22 13.60 -17.47
N PRO B 235 13.59 14.11 -18.66
CA PRO B 235 12.65 14.94 -19.43
C PRO B 235 11.51 14.17 -20.06
N MET B 236 10.45 14.88 -20.48
CA MET B 236 9.32 14.24 -21.13
C MET B 236 9.75 13.63 -22.46
N PRO B 237 9.58 12.30 -22.66
CA PRO B 237 9.99 11.70 -23.93
C PRO B 237 9.22 12.27 -25.12
N PRO B 238 9.84 12.35 -26.32
CA PRO B 238 9.08 12.81 -27.50
C PRO B 238 7.87 11.89 -27.72
N ASN B 239 6.69 12.49 -27.98
CA ASN B 239 5.43 11.77 -28.20
C ASN B 239 4.77 11.16 -26.95
N CYS B 240 5.35 11.39 -25.75
CA CYS B 240 4.74 10.90 -24.52
C CYS B 240 3.53 11.77 -24.21
N PRO B 241 2.33 11.20 -23.98
CA PRO B 241 1.17 12.04 -23.61
C PRO B 241 1.48 12.80 -22.31
N PRO B 242 1.13 14.10 -22.21
CA PRO B 242 1.43 14.87 -20.98
C PRO B 242 0.87 14.25 -19.70
N THR B 243 -0.30 13.57 -19.78
CA THR B 243 -0.94 12.93 -18.61
C THR B 243 -0.04 11.80 -18.09
N LEU B 244 0.60 11.07 -19.01
CA LEU B 244 1.53 9.97 -18.69
C LEU B 244 2.82 10.54 -18.09
N TYR B 245 3.33 11.67 -18.63
CA TYR B 245 4.53 12.26 -18.04
C TYR B 245 4.26 12.77 -16.62
N SER B 246 3.07 13.35 -16.38
CA SER B 246 2.66 13.80 -15.04
C SER B 246 2.64 12.61 -14.09
N LEU B 247 2.22 11.43 -14.57
CA LEU B 247 2.21 10.21 -13.77
C LEU B 247 3.66 9.82 -13.40
N MET B 248 4.60 9.85 -14.37
CA MET B 248 6.02 9.55 -14.11
C MET B 248 6.59 10.51 -13.07
N THR B 249 6.29 11.83 -13.19
CA THR B 249 6.81 12.83 -12.24
C THR B 249 6.30 12.60 -10.81
N LYS B 250 5.10 12.01 -10.66
CA LYS B 250 4.54 11.64 -9.34
C LYS B 250 5.36 10.48 -8.77
N CYS B 251 5.79 9.53 -9.63
CA CYS B 251 6.61 8.37 -9.22
C CYS B 251 7.94 8.85 -8.68
N TRP B 252 8.40 10.00 -9.14
CA TRP B 252 9.69 10.59 -8.76
C TRP B 252 9.60 11.70 -7.71
N ALA B 253 8.56 11.65 -6.87
CA ALA B 253 8.44 12.60 -5.77
C ALA B 253 9.61 12.26 -4.84
N TYR B 254 10.38 13.26 -4.42
CA TYR B 254 11.51 12.99 -3.53
C TYR B 254 11.03 12.30 -2.23
N ASP B 255 9.95 12.82 -1.64
CA ASP B 255 9.33 12.25 -0.44
C ASP B 255 8.60 10.97 -0.85
N PRO B 256 9.04 9.78 -0.36
CA PRO B 256 8.37 8.54 -0.78
C PRO B 256 6.86 8.47 -0.48
N SER B 257 6.41 9.17 0.57
CA SER B 257 5.00 9.19 0.98
C SER B 257 4.10 9.95 -0.01
N ARG B 258 4.71 10.73 -0.90
CA ARG B 258 3.99 11.47 -1.93
C ARG B 258 3.85 10.68 -3.22
N ARG B 259 4.50 9.51 -3.29
CA ARG B 259 4.42 8.69 -4.50
C ARG B 259 3.12 7.88 -4.53
N PRO B 260 2.52 7.64 -5.70
CA PRO B 260 1.28 6.84 -5.73
C PRO B 260 1.57 5.37 -5.48
N ARG B 261 0.52 4.59 -5.23
CA ARG B 261 0.65 3.15 -5.10
C ARG B 261 0.28 2.54 -6.44
N PHE B 262 0.58 1.25 -6.65
CA PHE B 262 0.32 0.59 -7.93
C PHE B 262 -1.14 0.50 -8.33
N THR B 263 -2.09 0.45 -7.36
CA THR B 263 -3.52 0.44 -7.67
C THR B 263 -3.91 1.74 -8.48
N GLU B 264 -3.42 2.93 -8.04
CA GLU B 264 -3.67 4.22 -8.70
C GLU B 264 -2.95 4.24 -10.04
N LEU B 265 -1.70 3.76 -10.06
CA LEU B 265 -0.94 3.73 -11.30
C LEU B 265 -1.65 2.93 -12.39
N LYS B 266 -2.12 1.73 -12.05
CA LYS B 266 -2.85 0.84 -12.93
C LYS B 266 -4.15 1.52 -13.44
N ALA B 267 -4.91 2.17 -12.54
CA ALA B 267 -6.16 2.85 -12.94
C ALA B 267 -5.90 4.01 -13.87
N GLN B 268 -4.83 4.79 -13.59
CA GLN B 268 -4.46 5.93 -14.40
C GLN B 268 -3.90 5.50 -15.74
N LEU B 269 -3.12 4.39 -15.78
CA LEU B 269 -2.58 3.88 -17.04
C LEU B 269 -3.69 3.32 -17.92
N SER B 270 -4.74 2.73 -17.32
CA SER B 270 -5.87 2.20 -18.05
C SER B 270 -6.59 3.37 -18.78
N THR B 271 -6.78 4.51 -18.09
CA THR B 271 -7.41 5.71 -18.67
C THR B 271 -6.57 6.28 -19.82
N ILE B 272 -5.24 6.37 -19.62
CA ILE B 272 -4.31 6.89 -20.62
C ILE B 272 -4.33 6.00 -21.87
N LEU B 273 -4.37 4.67 -21.66
CA LEU B 273 -4.44 3.69 -22.74
C LEU B 273 -5.75 3.81 -23.54
N GLU B 274 -6.88 3.99 -22.84
CA GLU B 274 -8.19 4.15 -23.50
C GLU B 274 -8.20 5.39 -24.41
N GLU B 275 -7.68 6.53 -23.90
CA GLU B 275 -7.61 7.81 -24.62
C GLU B 275 -6.71 7.70 -25.87
N GLU B 276 -5.64 6.91 -25.81
CA GLU B 276 -4.72 6.71 -26.94
C GLU B 276 -5.32 5.74 -27.98
N LYS B 277 -5.97 4.67 -27.53
CA LYS B 277 -6.62 3.68 -28.43
C LYS B 277 -7.78 4.30 -29.18
N ALA B 278 -8.39 5.37 -28.62
CA ALA B 278 -9.50 6.09 -29.24
C ALA B 278 -9.01 6.96 -30.43
N GLN B 279 -7.67 7.14 -30.58
CA GLN B 279 -7.05 7.92 -31.64
C GLN B 279 -6.09 7.13 -32.55
N1 10N C . -17.56 14.92 15.05
C2 10N C . -16.33 15.11 14.69
C3 10N C . -15.29 15.05 15.61
C4 10N C . -15.57 14.76 16.96
N5 10N C . -14.51 14.70 17.85
C6 10N C . -14.72 13.94 19.09
C7 10N C . -13.42 13.94 19.88
C8 10N C . -13.14 15.01 20.71
C9 10N C . -11.96 14.99 21.43
C10 10N C . -11.09 13.93 21.30
N11 10N C . -11.38 12.93 20.49
C12 10N C . -12.50 12.89 19.79
N13 10N C . -12.70 11.79 18.97
S14 10N C . -12.08 11.73 17.44
O15 10N C . -12.18 13.04 16.97
O16 10N C . -10.82 11.14 17.63
C17 10N C . -13.17 10.60 16.55
C18 10N C . -13.44 10.66 19.51
C19 10N C . -16.92 14.55 17.30
C20 10N C . -17.90 14.66 16.29
N21 10N C . -19.11 14.43 16.86
C22 10N C . -18.97 14.19 18.19
C23 10N C . -17.65 14.26 18.53
C24 10N C . -20.12 13.90 19.07
C25 10N C . -21.41 14.19 18.63
C26 10N C . -22.49 13.93 19.45
C27 10N C . -22.29 13.38 20.69
C28 10N C . -21.02 13.09 21.14
C29 10N C . -19.93 13.35 20.34
C30 10N C . -13.95 15.26 15.14
N31 10N C . -12.90 15.44 14.78
N1 10N D . 11.93 -16.00 -21.60
C2 10N D . 12.01 -16.07 -20.29
C3 10N D . 13.17 -15.69 -19.62
C4 10N D . 14.28 -15.25 -20.35
N5 10N D . 15.43 -14.88 -19.65
C6 10N D . 16.25 -13.84 -20.26
C7 10N D . 17.48 -13.64 -19.41
C8 10N D . 18.51 -14.54 -19.45
C9 10N D . 19.63 -14.31 -18.67
C10 10N D . 19.68 -13.20 -17.86
N11 10N D . 18.67 -12.35 -17.83
C12 10N D . 17.59 -12.53 -18.57
N13 10N D . 16.58 -11.59 -18.49
S14 10N D . 15.42 -11.71 -17.32
O15 10N D . 15.05 -13.07 -17.27
O16 10N D . 16.03 -11.11 -16.20
C17 10N D . 14.06 -10.68 -17.91
C18 10N D . 16.57 -10.48 -19.43
C19 10N D . 14.15 -15.20 -21.75
C20 10N D . 12.94 -15.60 -22.34
N21 10N D . 13.06 -15.46 -23.69
C22 10N D . 14.31 -14.99 -23.99
C23 10N D . 15.03 -14.81 -22.85
C24 10N D . 14.79 -14.73 -25.37
C25 10N D . 14.01 -15.16 -26.44
C26 10N D . 14.46 -14.93 -27.73
C27 10N D . 15.65 -14.27 -27.95
C28 10N D . 16.42 -13.85 -26.88
C29 10N D . 15.99 -14.07 -25.59
C30 10N D . 13.22 -15.76 -18.20
N31 10N D . 13.27 -15.82 -17.08
#